data_2EH7
#
_entry.id   2EH7
#
_cell.length_a   100.120
_cell.length_b   61.110
_cell.length_c   77.530
_cell.angle_alpha   90.00
_cell.angle_beta   91.49
_cell.angle_gamma   90.00
#
_symmetry.space_group_name_H-M   'C 1 2 1'
#
loop_
_entity.id
_entity.type
_entity.pdbx_description
1 polymer 'HUMANIZED KR127 FAB, LIGHT CHAIN'
2 polymer 'HUMANIZED KR127 FAB, HEAVY CHAIN'
#
loop_
_entity_poly.entity_id
_entity_poly.type
_entity_poly.pdbx_seq_one_letter_code
_entity_poly.pdbx_strand_id
1 'polypeptide(L)'
;DIQMTQTPLSLSVTPGQPASISCKSSQSLLYSNGKTYLNWLLQKPGQSPKRLIYLVSKLDSGVPDRFSGSGSGTDFTLKI
SRVEAEDVGVYYCVQGTHFPQTFGGGTKVEIKRTVAAPSVFIFPPSDEQLKSGTASVVCLLNNFYPREAKVQWKVDNALQ
SGNSQESVTEQDSKDSTYSLSSTLTLSKADYEKHKVYACEVTHQGLSSPVTKSFNRGEC
;
L
2 'polypeptide(L)'
;QVQLVQSGAEVVKPGASVKVSCKASGYAFSSSWMNWVRQAPGQGLEWIGRIYPGDGDTNYAQKFQGKATLTADKSTSTAY
MELSSLRSEDTAVYFCAREYDEAYWGQGTLVTVSSASTKGPSVFPLAPSSKSTSGGTAALGCLVKDYFPEPVTVSWNSGA
LTSGVHTFPAVLQSSGLYSLSSVVTVPSSSLGTQTYICNVNHKPSNTKVDKKVEPKSC
;
H
#
# COMPACT_ATOMS: atom_id res chain seq x y z
N ASP A 1 -27.54 9.23 -1.18
CA ASP A 1 -26.66 9.35 0.03
C ASP A 1 -27.45 8.96 1.27
N ILE A 2 -27.33 7.70 1.66
CA ILE A 2 -28.04 7.18 2.82
C ILE A 2 -27.25 7.35 4.12
N GLN A 3 -26.01 7.83 3.99
CA GLN A 3 -25.15 8.05 5.15
C GLN A 3 -24.79 6.75 5.88
N MET A 4 -23.50 6.39 5.81
CA MET A 4 -23.01 5.17 6.43
C MET A 4 -22.03 5.49 7.56
N THR A 5 -22.46 5.25 8.79
CA THR A 5 -21.63 5.52 9.97
C THR A 5 -21.02 4.22 10.50
N GLN A 6 -19.70 4.18 10.55
CA GLN A 6 -18.98 3.00 11.01
C GLN A 6 -18.28 3.22 12.35
N THR A 7 -18.29 2.20 13.21
CA THR A 7 -17.67 2.31 14.53
C THR A 7 -17.27 0.96 15.13
N PRO A 8 -16.09 0.88 15.78
CA PRO A 8 -15.12 1.96 16.00
C PRO A 8 -14.29 2.28 14.77
N LEU A 9 -13.51 3.35 14.83
CA LEU A 9 -12.66 3.78 13.73
C LEU A 9 -11.34 3.03 13.72
N SER A 10 -10.92 2.60 14.91
CA SER A 10 -9.67 1.87 15.05
C SER A 10 -9.92 0.82 16.11
N LEU A 11 -9.20 -0.29 16.05
CA LEU A 11 -9.41 -1.36 17.01
C LEU A 11 -8.27 -2.37 17.02
N SER A 12 -7.56 -2.44 18.14
CA SER A 12 -6.45 -3.37 18.28
C SER A 12 -6.90 -4.51 19.19
N VAL A 13 -6.60 -5.74 18.78
CA VAL A 13 -7.00 -6.91 19.53
C VAL A 13 -5.84 -7.89 19.59
N THR A 14 -5.88 -8.77 20.59
CA THR A 14 -4.83 -9.78 20.73
C THR A 14 -5.31 -11.06 20.04
N PRO A 15 -4.39 -11.79 19.40
CA PRO A 15 -4.67 -13.04 18.67
C PRO A 15 -5.63 -14.00 19.36
N GLY A 16 -6.69 -14.39 18.64
CA GLY A 16 -7.67 -15.31 19.19
C GLY A 16 -8.90 -14.63 19.78
N GLN A 17 -8.66 -13.53 20.46
CA GLN A 17 -9.72 -12.75 21.09
C GLN A 17 -10.79 -12.38 20.06
N PRO A 18 -12.03 -12.14 20.51
CA PRO A 18 -13.11 -11.78 19.59
C PRO A 18 -13.13 -10.28 19.28
N ALA A 19 -13.68 -9.92 18.13
CA ALA A 19 -13.77 -8.52 17.72
C ALA A 19 -15.08 -8.23 17.00
N SER A 20 -15.64 -7.05 17.22
CA SER A 20 -16.89 -6.67 16.56
C SER A 20 -16.84 -5.25 16.02
N ILE A 21 -17.51 -5.05 14.89
CA ILE A 21 -17.57 -3.74 14.24
C ILE A 21 -19.04 -3.41 14.00
N SER A 22 -19.39 -2.13 14.02
CA SER A 22 -20.77 -1.73 13.81
C SER A 22 -20.95 -0.77 12.63
N CYS A 23 -22.14 -0.82 12.03
CA CYS A 23 -22.49 0.03 10.90
C CYS A 23 -23.97 0.40 10.97
N LYS A 24 -24.22 1.68 11.16
CA LYS A 24 -25.59 2.17 11.24
C LYS A 24 -25.84 3.20 10.15
N SER A 25 -26.84 2.93 9.31
CA SER A 25 -27.17 3.83 8.21
C SER A 25 -28.01 5.03 8.65
N SER A 26 -29.06 5.31 7.89
CA SER A 26 -29.94 6.44 8.17
C SER A 26 -31.33 6.10 7.67
N GLN A 27 -31.53 4.85 7.27
CA GLN A 27 -32.81 4.41 6.76
C GLN A 27 -32.73 2.93 6.38
N SER A 28 -33.82 2.20 6.62
CA SER A 28 -33.90 0.78 6.34
C SER A 28 -33.25 0.37 5.01
N LEU A 29 -32.30 -0.56 5.10
CA LEU A 29 -31.63 -1.06 3.91
C LEU A 29 -32.40 -2.29 3.46
N LEU A 30 -33.60 -2.43 3.99
CA LEU A 30 -34.49 -3.53 3.64
C LEU A 30 -35.30 -3.06 2.44
N TYR A 31 -35.16 -3.78 1.33
CA TYR A 31 -35.87 -3.42 0.11
C TYR A 31 -37.31 -3.89 0.20
N SER A 32 -38.19 -3.33 -0.64
CA SER A 32 -39.58 -3.73 -0.65
C SER A 32 -39.52 -5.25 -0.82
N ASN A 33 -38.62 -5.68 -1.70
CA ASN A 33 -38.39 -7.10 -1.93
C ASN A 33 -37.86 -7.65 -0.60
N GLY A 34 -38.05 -8.93 -0.35
CA GLY A 34 -37.59 -9.49 0.91
C GLY A 34 -36.09 -9.57 1.11
N LYS A 35 -35.36 -8.55 0.71
CA LYS A 35 -33.91 -8.54 0.85
C LYS A 35 -33.30 -7.20 1.27
N THR A 36 -32.24 -7.28 2.06
CA THR A 36 -31.51 -6.10 2.54
C THR A 36 -30.11 -6.16 1.93
N TYR A 37 -29.75 -5.14 1.15
CA TYR A 37 -28.44 -5.12 0.52
C TYR A 37 -27.38 -4.37 1.31
N LEU A 38 -26.59 -5.12 2.07
CA LEU A 38 -25.51 -4.54 2.86
C LEU A 38 -24.37 -5.53 2.88
N ASN A 39 -23.19 -5.06 2.47
CA ASN A 39 -22.02 -5.93 2.41
C ASN A 39 -20.89 -5.44 3.29
N TRP A 40 -19.89 -6.30 3.46
CA TRP A 40 -18.72 -5.97 4.24
C TRP A 40 -17.50 -6.24 3.36
N LEU A 41 -16.62 -5.26 3.26
CA LEU A 41 -15.42 -5.38 2.45
C LEU A 41 -14.19 -5.32 3.33
N LEU A 42 -13.16 -6.08 2.95
CA LEU A 42 -11.91 -6.07 3.69
C LEU A 42 -10.85 -5.55 2.74
N GLN A 43 -10.11 -4.52 3.17
CA GLN A 43 -9.06 -3.99 2.30
C GLN A 43 -7.70 -4.02 2.95
N LYS A 44 -6.81 -4.84 2.41
CA LYS A 44 -5.46 -4.92 2.93
C LYS A 44 -4.77 -3.64 2.47
N PRO A 45 -3.69 -3.25 3.17
CA PRO A 45 -2.98 -2.03 2.79
C PRO A 45 -2.39 -2.10 1.37
N GLY A 46 -2.74 -1.12 0.55
CA GLY A 46 -2.24 -1.06 -0.81
C GLY A 46 -2.84 -2.07 -1.79
N GLN A 47 -3.64 -3.00 -1.27
CA GLN A 47 -4.26 -4.03 -2.09
C GLN A 47 -5.69 -3.62 -2.47
N SER A 48 -6.36 -4.45 -3.28
CA SER A 48 -7.73 -4.13 -3.68
C SER A 48 -8.71 -4.80 -2.73
N PRO A 49 -9.89 -4.21 -2.57
CA PRO A 49 -10.92 -4.75 -1.68
C PRO A 49 -11.37 -6.17 -2.05
N LYS A 50 -11.88 -6.87 -1.06
CA LYS A 50 -12.40 -8.23 -1.23
C LYS A 50 -13.70 -8.29 -0.45
N ARG A 51 -14.78 -8.64 -1.13
CA ARG A 51 -16.07 -8.74 -0.45
C ARG A 51 -16.01 -9.91 0.53
N LEU A 52 -16.43 -9.68 1.77
CA LEU A 52 -16.42 -10.73 2.79
C LEU A 52 -17.81 -11.30 3.00
N ILE A 53 -18.76 -10.41 3.26
CA ILE A 53 -20.13 -10.83 3.52
C ILE A 53 -21.12 -9.99 2.71
N TYR A 54 -22.02 -10.66 1.98
CA TYR A 54 -23.02 -9.95 1.22
C TYR A 54 -24.42 -10.29 1.69
N LEU A 55 -25.36 -9.40 1.40
CA LEU A 55 -26.75 -9.57 1.78
C LEU A 55 -26.93 -9.68 3.29
N VAL A 56 -26.01 -9.08 4.03
CA VAL A 56 -26.04 -9.04 5.50
C VAL A 56 -25.46 -10.25 6.23
N SER A 57 -25.72 -11.45 5.73
CA SER A 57 -25.23 -12.65 6.40
C SER A 57 -24.51 -13.68 5.51
N LYS A 58 -24.93 -13.81 4.26
CA LYS A 58 -24.29 -14.77 3.37
C LYS A 58 -22.79 -14.47 3.27
N LEU A 59 -21.98 -15.48 3.55
CA LEU A 59 -20.53 -15.34 3.52
C LEU A 59 -20.01 -15.06 2.10
N ASP A 60 -19.15 -15.94 1.61
CA ASP A 60 -18.58 -15.78 0.28
C ASP A 60 -17.54 -16.87 0.07
N SER A 61 -17.41 -17.34 -1.16
CA SER A 61 -16.47 -18.42 -1.50
C SER A 61 -15.06 -18.21 -0.96
N GLY A 62 -14.55 -19.20 -0.25
CA GLY A 62 -13.21 -19.10 0.32
C GLY A 62 -13.09 -17.99 1.34
N VAL A 63 -13.79 -18.14 2.46
CA VAL A 63 -13.75 -17.16 3.54
C VAL A 63 -13.88 -17.90 4.88
N PRO A 64 -12.93 -17.67 5.79
CA PRO A 64 -12.92 -18.31 7.11
C PRO A 64 -14.28 -18.33 7.82
N ASP A 65 -14.40 -19.23 8.80
CA ASP A 65 -15.64 -19.40 9.56
C ASP A 65 -15.79 -18.35 10.65
N ARG A 66 -14.66 -17.93 11.22
CA ARG A 66 -14.67 -16.94 12.29
C ARG A 66 -15.35 -15.63 11.89
N PHE A 67 -15.63 -15.47 10.61
CA PHE A 67 -16.29 -14.27 10.10
C PHE A 67 -17.80 -14.47 9.99
N SER A 68 -18.57 -13.72 10.74
CA SER A 68 -20.02 -13.84 10.70
C SER A 68 -20.70 -12.49 10.54
N GLY A 69 -21.76 -12.47 9.74
CA GLY A 69 -22.51 -11.24 9.50
C GLY A 69 -23.92 -11.34 10.05
N SER A 70 -24.39 -10.26 10.67
CA SER A 70 -25.74 -10.25 11.23
C SER A 70 -26.31 -8.84 11.27
N GLY A 71 -27.06 -8.56 12.34
CA GLY A 71 -27.66 -7.24 12.48
C GLY A 71 -28.78 -7.07 11.47
N SER A 72 -29.43 -5.91 11.50
CA SER A 72 -30.53 -5.63 10.59
C SER A 72 -31.06 -4.22 10.82
N GLY A 73 -32.17 -3.89 10.16
CA GLY A 73 -32.75 -2.56 10.31
C GLY A 73 -31.77 -1.52 9.81
N THR A 74 -31.08 -0.86 10.75
CA THR A 74 -30.10 0.14 10.41
C THR A 74 -28.93 0.03 11.39
N ASP A 75 -28.82 -1.13 12.02
CA ASP A 75 -27.76 -1.40 12.99
C ASP A 75 -27.09 -2.73 12.69
N PHE A 76 -26.26 -2.77 11.66
CA PHE A 76 -25.56 -3.99 11.28
C PHE A 76 -24.19 -4.06 11.95
N THR A 77 -23.69 -5.27 12.12
CA THR A 77 -22.39 -5.45 12.76
C THR A 77 -21.64 -6.68 12.24
N LEU A 78 -20.33 -6.54 12.10
CA LEU A 78 -19.49 -7.64 11.66
C LEU A 78 -18.90 -8.22 12.93
N LYS A 79 -18.62 -9.51 12.93
CA LYS A 79 -18.05 -10.12 14.13
C LYS A 79 -17.03 -11.20 13.80
N ILE A 80 -15.87 -11.10 14.46
CA ILE A 80 -14.81 -12.08 14.28
C ILE A 80 -14.65 -12.77 15.64
N SER A 81 -15.02 -14.04 15.68
CA SER A 81 -14.94 -14.82 16.92
C SER A 81 -13.50 -14.97 17.40
N ARG A 82 -12.60 -15.28 16.48
CA ARG A 82 -11.19 -15.46 16.81
C ARG A 82 -10.28 -14.70 15.84
N VAL A 83 -10.13 -13.41 16.08
CA VAL A 83 -9.28 -12.57 15.24
C VAL A 83 -7.90 -13.20 15.12
N GLU A 84 -7.32 -13.11 13.93
CA GLU A 84 -5.99 -13.67 13.70
C GLU A 84 -5.13 -12.70 12.93
N ALA A 85 -3.82 -12.90 13.00
CA ALA A 85 -2.85 -12.05 12.31
C ALA A 85 -3.36 -11.67 10.92
N GLU A 86 -3.75 -12.67 10.13
CA GLU A 86 -4.24 -12.43 8.77
C GLU A 86 -5.37 -11.44 8.63
N ASP A 87 -6.15 -11.26 9.69
CA ASP A 87 -7.30 -10.35 9.64
C ASP A 87 -6.96 -8.86 9.62
N VAL A 88 -5.68 -8.52 9.67
CA VAL A 88 -5.27 -7.11 9.67
C VAL A 88 -5.70 -6.37 8.39
N GLY A 89 -6.19 -5.15 8.57
CA GLY A 89 -6.62 -4.36 7.42
C GLY A 89 -7.76 -3.43 7.79
N VAL A 90 -8.39 -2.85 6.78
CA VAL A 90 -9.51 -1.95 7.02
C VAL A 90 -10.79 -2.60 6.53
N TYR A 91 -11.82 -2.58 7.38
CA TYR A 91 -13.10 -3.17 7.05
C TYR A 91 -14.12 -2.08 6.73
N TYR A 92 -14.94 -2.31 5.69
CA TYR A 92 -15.96 -1.34 5.29
C TYR A 92 -17.31 -2.04 5.06
N CYS A 93 -18.39 -1.30 5.31
CA CYS A 93 -19.72 -1.83 5.07
C CYS A 93 -20.27 -0.97 3.94
N VAL A 94 -20.99 -1.60 3.01
CA VAL A 94 -21.54 -0.85 1.90
C VAL A 94 -23.03 -1.11 1.77
N GLN A 95 -23.77 -0.02 1.54
CA GLN A 95 -25.22 -0.10 1.36
C GLN A 95 -25.56 -0.01 -0.12
N GLY A 96 -26.38 -0.96 -0.59
CA GLY A 96 -26.77 -0.98 -1.98
C GLY A 96 -28.29 -1.06 -2.15
N THR A 97 -29.01 -0.58 -1.15
CA THR A 97 -30.48 -0.59 -1.16
C THR A 97 -31.07 0.68 -1.74
N HIS A 98 -30.40 1.81 -1.52
CA HIS A 98 -30.87 3.09 -2.04
C HIS A 98 -30.06 3.56 -3.24
N PHE A 99 -29.75 4.84 -3.29
CA PHE A 99 -28.98 5.38 -4.40
C PHE A 99 -28.50 6.79 -4.09
N PRO A 100 -27.21 7.07 -4.33
CA PRO A 100 -26.26 6.09 -4.86
C PRO A 100 -25.72 5.15 -3.78
N GLN A 101 -24.78 4.30 -4.15
CA GLN A 101 -24.16 3.40 -3.18
C GLN A 101 -23.29 4.24 -2.27
N THR A 102 -23.25 3.88 -0.99
CA THR A 102 -22.42 4.61 -0.05
C THR A 102 -21.65 3.64 0.83
N PHE A 103 -20.49 4.07 1.30
CA PHE A 103 -19.64 3.24 2.14
C PHE A 103 -19.41 3.88 3.50
N GLY A 104 -19.03 3.06 4.47
CA GLY A 104 -18.73 3.58 5.80
C GLY A 104 -17.31 4.12 5.76
N GLY A 105 -16.88 4.80 6.81
CA GLY A 105 -15.53 5.35 6.84
C GLY A 105 -14.48 4.28 7.01
N GLY A 106 -14.91 3.08 7.37
CA GLY A 106 -13.99 1.97 7.57
C GLY A 106 -13.52 1.82 9.00
N THR A 107 -13.02 0.64 9.33
CA THR A 107 -12.53 0.37 10.68
C THR A 107 -11.18 -0.32 10.58
N LYS A 108 -10.14 0.33 11.07
CA LYS A 108 -8.80 -0.26 11.02
C LYS A 108 -8.58 -1.24 12.17
N VAL A 109 -8.35 -2.50 11.83
CA VAL A 109 -8.11 -3.54 12.81
C VAL A 109 -6.61 -3.79 12.94
N GLU A 110 -6.09 -3.64 14.16
CA GLU A 110 -4.68 -3.87 14.42
C GLU A 110 -4.54 -5.06 15.38
N ILE A 111 -3.42 -5.76 15.31
CA ILE A 111 -3.21 -6.89 16.20
C ILE A 111 -2.24 -6.52 17.32
N LYS A 112 -2.62 -6.82 18.56
CA LYS A 112 -1.77 -6.56 19.72
C LYS A 112 -0.99 -7.83 19.98
N ARG A 113 0.33 -7.75 19.90
CA ARG A 113 1.15 -8.92 20.15
C ARG A 113 2.16 -8.63 21.23
N THR A 114 3.01 -9.60 21.52
CA THR A 114 4.02 -9.40 22.53
C THR A 114 5.12 -8.48 22.03
N VAL A 115 5.72 -7.72 22.94
CA VAL A 115 6.80 -6.81 22.59
C VAL A 115 7.88 -7.57 21.83
N ALA A 116 8.48 -6.93 20.84
CA ALA A 116 9.54 -7.55 20.05
C ALA A 116 10.54 -6.47 19.67
N ALA A 117 11.77 -6.62 20.12
CA ALA A 117 12.81 -5.64 19.82
C ALA A 117 13.24 -5.73 18.36
N PRO A 118 13.62 -4.60 17.75
CA PRO A 118 14.03 -4.62 16.35
C PRO A 118 15.49 -5.01 16.16
N SER A 119 15.78 -5.51 14.97
CA SER A 119 17.14 -5.85 14.57
C SER A 119 17.51 -4.59 13.82
N VAL A 120 18.71 -4.08 14.04
CA VAL A 120 19.12 -2.85 13.41
C VAL A 120 20.24 -3.06 12.39
N PHE A 121 20.05 -2.46 11.21
CA PHE A 121 21.01 -2.57 10.12
C PHE A 121 21.34 -1.21 9.55
N ILE A 122 22.57 -1.03 9.10
CA ILE A 122 22.98 0.25 8.53
C ILE A 122 23.63 0.00 7.19
N PHE A 123 23.39 0.91 6.24
CA PHE A 123 23.93 0.79 4.88
C PHE A 123 24.66 2.06 4.47
N PRO A 124 25.92 1.95 4.03
CA PRO A 124 26.66 3.14 3.60
C PRO A 124 26.18 3.49 2.19
N PRO A 125 26.56 4.66 1.67
CA PRO A 125 26.15 5.07 0.32
C PRO A 125 26.84 4.24 -0.77
N SER A 126 26.16 4.05 -1.89
CA SER A 126 26.75 3.31 -3.00
C SER A 126 27.67 4.29 -3.72
N ASP A 127 28.76 3.78 -4.29
CA ASP A 127 29.70 4.65 -5.01
C ASP A 127 28.99 5.35 -6.17
N GLU A 128 28.01 4.69 -6.75
CA GLU A 128 27.28 5.29 -7.87
C GLU A 128 26.47 6.51 -7.45
N GLN A 129 25.88 6.48 -6.26
CA GLN A 129 25.10 7.62 -5.81
C GLN A 129 26.03 8.81 -5.54
N LEU A 130 27.21 8.52 -5.01
CA LEU A 130 28.18 9.57 -4.73
C LEU A 130 28.56 10.34 -5.99
N LYS A 131 28.69 9.63 -7.11
CA LYS A 131 29.01 10.28 -8.38
C LYS A 131 27.96 11.35 -8.69
N SER A 132 26.70 11.05 -8.39
CA SER A 132 25.62 11.98 -8.67
C SER A 132 25.68 13.20 -7.74
N GLY A 133 26.64 13.19 -6.81
CA GLY A 133 26.80 14.32 -5.91
C GLY A 133 26.07 14.26 -4.58
N THR A 134 25.15 13.33 -4.42
CA THR A 134 24.40 13.21 -3.18
C THR A 134 24.73 11.90 -2.46
N ALA A 135 24.44 11.82 -1.16
CA ALA A 135 24.73 10.61 -0.38
C ALA A 135 23.64 10.24 0.61
N SER A 136 23.13 9.01 0.51
CA SER A 136 22.08 8.54 1.40
C SER A 136 22.53 7.40 2.31
N VAL A 137 22.42 7.61 3.62
CA VAL A 137 22.78 6.59 4.58
C VAL A 137 21.46 6.07 5.11
N VAL A 138 21.24 4.77 5.02
CA VAL A 138 20.01 4.17 5.48
C VAL A 138 20.16 3.28 6.73
N CYS A 139 19.26 3.46 7.68
CA CYS A 139 19.24 2.69 8.91
C CYS A 139 17.92 1.92 8.88
N LEU A 140 17.99 0.61 9.11
CA LEU A 140 16.81 -0.23 9.08
C LEU A 140 16.48 -0.91 10.40
N LEU A 141 15.24 -0.79 10.83
CA LEU A 141 14.77 -1.43 12.05
C LEU A 141 13.85 -2.51 11.49
N ASN A 142 14.19 -3.77 11.77
CA ASN A 142 13.41 -4.85 11.21
C ASN A 142 12.58 -5.69 12.18
N ASN A 143 11.38 -6.04 11.73
CA ASN A 143 10.42 -6.84 12.48
C ASN A 143 10.34 -6.52 13.97
N PHE A 144 9.72 -5.40 14.33
CA PHE A 144 9.59 -5.02 15.73
C PHE A 144 8.14 -4.71 16.12
N TYR A 145 7.91 -4.56 17.42
CA TYR A 145 6.60 -4.26 17.99
C TYR A 145 6.77 -3.89 19.45
N PRO A 146 6.07 -2.84 19.92
CA PRO A 146 5.14 -1.97 19.19
C PRO A 146 5.78 -1.02 18.16
N ARG A 147 4.93 -0.29 17.45
CA ARG A 147 5.35 0.64 16.41
C ARG A 147 6.27 1.78 16.86
N GLU A 148 5.98 2.38 18.00
CA GLU A 148 6.78 3.49 18.52
C GLU A 148 8.26 3.10 18.62
N ALA A 149 9.12 3.87 17.98
CA ALA A 149 10.55 3.61 17.99
C ALA A 149 11.24 4.95 17.79
N LYS A 150 12.34 5.19 18.48
CA LYS A 150 13.04 6.45 18.34
C LYS A 150 14.42 6.20 17.73
N VAL A 151 14.64 6.74 16.54
CA VAL A 151 15.93 6.59 15.88
C VAL A 151 16.56 7.96 15.71
N GLN A 152 17.86 8.06 15.98
CA GLN A 152 18.53 9.34 15.82
C GLN A 152 19.86 9.19 15.11
N TRP A 153 20.18 10.17 14.29
CA TRP A 153 21.44 10.15 13.56
C TRP A 153 22.51 10.97 14.25
N LYS A 154 23.72 10.42 14.30
CA LYS A 154 24.85 11.09 14.90
C LYS A 154 26.05 11.00 13.97
N VAL A 155 26.60 12.14 13.60
CA VAL A 155 27.77 12.17 12.74
C VAL A 155 28.94 12.67 13.58
N ASP A 156 29.98 11.84 13.67
CA ASP A 156 31.15 12.17 14.47
C ASP A 156 30.67 12.56 15.87
N ASN A 157 29.67 11.82 16.34
CA ASN A 157 29.08 12.01 17.64
C ASN A 157 28.30 13.32 17.80
N ALA A 158 27.99 13.96 16.67
CA ALA A 158 27.21 15.21 16.72
C ALA A 158 25.79 14.90 16.27
N LEU A 159 24.86 14.93 17.21
CA LEU A 159 23.46 14.66 16.91
C LEU A 159 22.99 15.48 15.72
N GLN A 160 22.12 14.88 14.90
CA GLN A 160 21.62 15.55 13.71
C GLN A 160 20.12 15.86 13.76
N SER A 161 19.70 16.72 12.85
CA SER A 161 18.30 17.10 12.76
C SER A 161 18.09 17.81 11.43
N GLY A 162 16.93 17.61 10.83
CA GLY A 162 16.61 18.25 9.57
C GLY A 162 17.20 17.64 8.32
N ASN A 163 17.81 16.46 8.42
CA ASN A 163 18.42 15.84 7.26
C ASN A 163 18.00 14.40 7.02
N SER A 164 17.00 13.93 7.75
CA SER A 164 16.57 12.56 7.59
C SER A 164 15.08 12.40 7.42
N GLN A 165 14.69 11.30 6.80
CA GLN A 165 13.28 11.01 6.60
C GLN A 165 13.04 9.56 6.95
N GLU A 166 11.91 9.28 7.59
CA GLU A 166 11.62 7.89 7.94
C GLU A 166 10.25 7.44 7.41
N SER A 167 10.10 6.14 7.24
CA SER A 167 8.86 5.57 6.74
C SER A 167 8.64 4.25 7.46
N VAL A 168 7.40 3.99 7.86
CA VAL A 168 7.08 2.75 8.57
C VAL A 168 6.11 1.92 7.76
N THR A 169 6.34 0.60 7.73
CA THR A 169 5.47 -0.31 6.98
C THR A 169 4.14 -0.58 7.66
N GLU A 170 3.31 -1.34 6.95
CA GLU A 170 2.01 -1.74 7.47
C GLU A 170 2.38 -2.87 8.43
N GLN A 171 1.42 -3.33 9.21
CA GLN A 171 1.66 -4.40 10.16
C GLN A 171 1.76 -5.71 9.38
N ASP A 172 2.82 -6.47 9.62
CA ASP A 172 2.98 -7.72 8.90
C ASP A 172 1.76 -8.62 9.12
N SER A 173 1.35 -9.30 8.07
CA SER A 173 0.18 -10.17 8.15
C SER A 173 0.53 -11.54 8.75
N LYS A 174 1.81 -11.82 8.96
CA LYS A 174 2.24 -13.10 9.53
C LYS A 174 2.67 -13.03 11.00
N ASP A 175 3.63 -12.16 11.32
CA ASP A 175 4.10 -12.02 12.70
C ASP A 175 3.55 -10.77 13.41
N SER A 176 2.79 -9.97 12.66
CA SER A 176 2.19 -8.74 13.20
C SER A 176 3.21 -7.70 13.62
N THR A 177 4.38 -7.73 13.01
CA THR A 177 5.39 -6.76 13.36
C THR A 177 5.45 -5.61 12.35
N TYR A 178 6.30 -4.62 12.65
CA TYR A 178 6.51 -3.46 11.81
C TYR A 178 7.99 -3.38 11.51
N SER A 179 8.31 -2.62 10.47
CA SER A 179 9.68 -2.36 10.08
C SER A 179 9.74 -0.87 9.77
N LEU A 180 10.88 -0.25 10.04
CA LEU A 180 11.00 1.17 9.80
C LEU A 180 12.34 1.50 9.19
N SER A 181 12.35 2.50 8.34
CA SER A 181 13.58 2.92 7.71
C SER A 181 13.78 4.41 7.91
N SER A 182 14.99 4.80 8.29
CA SER A 182 15.33 6.21 8.45
C SER A 182 16.48 6.44 7.47
N THR A 183 16.37 7.48 6.65
CA THR A 183 17.38 7.78 5.65
C THR A 183 18.01 9.15 5.79
N LEU A 184 19.31 9.17 6.05
CA LEU A 184 20.02 10.43 6.18
C LEU A 184 20.59 10.76 4.81
N THR A 185 20.16 11.89 4.26
CA THR A 185 20.64 12.31 2.97
C THR A 185 21.37 13.65 3.05
N LEU A 186 22.63 13.63 2.64
CA LEU A 186 23.44 14.84 2.62
C LEU A 186 24.24 14.94 1.33
N SER A 187 24.85 16.08 1.08
CA SER A 187 25.63 16.27 -0.15
C SER A 187 26.91 15.45 -0.08
N LYS A 188 27.57 15.27 -1.22
CA LYS A 188 28.84 14.52 -1.25
C LYS A 188 29.90 15.26 -0.46
N ALA A 189 29.95 16.58 -0.64
CA ALA A 189 30.92 17.41 0.08
C ALA A 189 30.81 17.14 1.57
N ASP A 190 29.61 17.33 2.10
CA ASP A 190 29.34 17.13 3.52
C ASP A 190 29.62 15.69 3.95
N TYR A 191 29.26 14.72 3.12
CA TYR A 191 29.51 13.32 3.47
C TYR A 191 31.00 13.08 3.59
N GLU A 192 31.78 13.85 2.84
CA GLU A 192 33.24 13.73 2.85
C GLU A 192 33.92 14.53 3.94
N LYS A 193 33.17 15.41 4.59
CA LYS A 193 33.75 16.23 5.65
C LYS A 193 33.72 15.50 6.99
N HIS A 194 33.02 14.36 7.04
CA HIS A 194 32.92 13.62 8.28
C HIS A 194 33.39 12.17 8.18
N LYS A 195 33.71 11.58 9.32
CA LYS A 195 34.22 10.22 9.39
C LYS A 195 33.23 9.15 9.85
N VAL A 196 32.75 9.29 11.09
CA VAL A 196 31.84 8.33 11.67
C VAL A 196 30.35 8.66 11.52
N TYR A 197 29.59 7.67 11.04
CA TYR A 197 28.16 7.80 10.85
C TYR A 197 27.48 6.73 11.71
N ALA A 198 26.63 7.17 12.61
CA ALA A 198 25.97 6.23 13.49
C ALA A 198 24.49 6.41 13.65
N CYS A 199 23.80 5.28 13.76
CA CYS A 199 22.36 5.26 13.93
C CYS A 199 22.12 4.81 15.38
N GLU A 200 21.29 5.54 16.11
CA GLU A 200 20.99 5.19 17.48
C GLU A 200 19.53 4.82 17.61
N VAL A 201 19.26 3.63 18.13
CA VAL A 201 17.89 3.16 18.27
C VAL A 201 17.41 2.94 19.71
N THR A 202 16.21 3.43 19.97
CA THR A 202 15.56 3.32 21.28
C THR A 202 14.16 2.75 21.05
N HIS A 203 13.87 1.62 21.70
CA HIS A 203 12.58 0.97 21.55
C HIS A 203 12.25 0.22 22.84
N GLN A 204 10.97 0.16 23.18
CA GLN A 204 10.52 -0.53 24.39
C GLN A 204 11.11 -1.93 24.59
N GLY A 205 11.41 -2.63 23.51
CA GLY A 205 11.94 -3.98 23.61
C GLY A 205 13.45 -4.04 23.83
N LEU A 206 14.08 -2.87 23.96
CA LEU A 206 15.52 -2.81 24.17
C LEU A 206 15.86 -2.30 25.58
N SER A 207 16.60 -3.09 26.34
CA SER A 207 16.98 -2.69 27.70
C SER A 207 17.84 -1.44 27.66
N SER A 208 18.70 -1.37 26.65
CA SER A 208 19.60 -0.23 26.45
C SER A 208 19.61 0.14 24.97
N PRO A 209 19.75 1.44 24.66
CA PRO A 209 19.80 1.92 23.28
C PRO A 209 20.75 1.09 22.44
N VAL A 210 20.54 1.08 21.12
CA VAL A 210 21.41 0.32 20.24
C VAL A 210 22.00 1.27 19.22
N THR A 211 23.31 1.16 18.99
CA THR A 211 24.00 2.03 18.05
C THR A 211 24.73 1.26 16.95
N LYS A 212 24.34 1.48 15.70
CA LYS A 212 25.01 0.83 14.58
C LYS A 212 25.76 1.96 13.89
N SER A 213 27.05 1.76 13.63
CA SER A 213 27.85 2.81 13.01
C SER A 213 28.90 2.24 12.09
N PHE A 214 29.57 3.14 11.37
CA PHE A 214 30.62 2.75 10.46
C PHE A 214 31.49 3.97 10.13
N ASN A 215 32.76 3.71 9.82
CA ASN A 215 33.70 4.76 9.45
C ASN A 215 33.69 4.86 7.94
N ARG A 216 33.53 6.08 7.44
CA ARG A 216 33.50 6.32 6.00
C ARG A 216 34.71 5.66 5.35
N GLY A 217 35.86 5.77 6.00
CA GLY A 217 37.07 5.18 5.46
C GLY A 217 36.93 3.67 5.34
N GLU A 218 37.11 2.98 6.46
CA GLU A 218 37.00 1.52 6.50
C GLU A 218 35.58 1.09 6.12
N CYS A 219 35.29 1.11 4.83
CA CYS A 219 33.95 0.74 4.35
C CYS A 219 33.78 1.15 2.88
N GLN B 1 -10.95 -18.56 -13.78
CA GLN B 1 -11.95 -17.84 -12.94
C GLN B 1 -12.07 -16.36 -13.30
N VAL B 2 -12.88 -15.65 -12.50
CA VAL B 2 -13.13 -14.23 -12.73
C VAL B 2 -11.89 -13.34 -12.56
N GLN B 3 -11.61 -12.53 -13.57
CA GLN B 3 -10.46 -11.62 -13.56
C GLN B 3 -10.83 -10.22 -14.01
N LEU B 4 -10.09 -9.24 -13.51
CA LEU B 4 -10.29 -7.83 -13.87
C LEU B 4 -8.94 -7.14 -13.84
N VAL B 5 -8.37 -6.91 -15.01
CA VAL B 5 -7.07 -6.26 -15.14
C VAL B 5 -7.26 -4.83 -15.64
N GLN B 6 -6.79 -3.85 -14.85
CA GLN B 6 -6.92 -2.45 -15.21
C GLN B 6 -5.64 -1.89 -15.82
N SER B 7 -5.76 -0.79 -16.56
CA SER B 7 -4.61 -0.16 -17.18
C SER B 7 -3.73 0.41 -16.07
N GLY B 8 -2.48 0.70 -16.41
CA GLY B 8 -1.53 1.20 -15.42
C GLY B 8 -1.68 2.64 -15.00
N ALA B 9 -0.94 3.00 -13.96
CA ALA B 9 -0.98 4.37 -13.43
C ALA B 9 -0.45 5.36 -14.45
N GLU B 10 -0.95 6.58 -14.37
CA GLU B 10 -0.53 7.64 -15.28
C GLU B 10 -0.71 9.01 -14.68
N VAL B 11 -0.02 9.99 -15.25
CA VAL B 11 -0.08 11.37 -14.82
C VAL B 11 -0.90 12.09 -15.86
N VAL B 12 -1.65 13.10 -15.43
CA VAL B 12 -2.44 13.90 -16.35
C VAL B 12 -2.40 15.32 -15.82
N LYS B 13 -2.26 16.28 -16.72
CA LYS B 13 -2.22 17.69 -16.34
C LYS B 13 -3.63 18.16 -16.03
N PRO B 14 -3.77 19.06 -15.05
CA PRO B 14 -5.10 19.57 -14.70
C PRO B 14 -5.87 20.02 -15.94
N GLY B 15 -7.19 19.95 -15.88
CA GLY B 15 -8.02 20.36 -17.01
C GLY B 15 -8.17 19.28 -18.07
N ALA B 16 -7.19 18.39 -18.18
CA ALA B 16 -7.22 17.32 -19.18
C ALA B 16 -8.14 16.18 -18.74
N SER B 17 -8.21 15.16 -19.57
CA SER B 17 -9.05 14.00 -19.29
C SER B 17 -8.19 12.75 -19.40
N VAL B 18 -8.70 11.65 -18.87
CA VAL B 18 -7.96 10.39 -18.92
C VAL B 18 -8.91 9.22 -19.11
N LYS B 19 -8.44 8.17 -19.76
CA LYS B 19 -9.25 6.99 -19.98
C LYS B 19 -8.63 5.77 -19.32
N VAL B 20 -9.38 5.15 -18.39
CA VAL B 20 -8.92 3.98 -17.69
C VAL B 20 -9.64 2.74 -18.20
N SER B 21 -8.91 1.70 -18.57
CA SER B 21 -9.55 0.49 -19.08
C SER B 21 -9.61 -0.60 -18.01
N CYS B 22 -10.51 -1.56 -18.20
CA CYS B 22 -10.69 -2.67 -17.26
C CYS B 22 -11.08 -3.93 -18.03
N LYS B 23 -10.08 -4.76 -18.35
CA LYS B 23 -10.28 -6.00 -19.08
C LYS B 23 -10.93 -7.07 -18.21
N ALA B 24 -12.03 -7.64 -18.69
CA ALA B 24 -12.72 -8.68 -17.94
C ALA B 24 -12.44 -10.02 -18.61
N SER B 25 -12.50 -11.10 -17.82
CA SER B 25 -12.28 -12.44 -18.33
C SER B 25 -12.69 -13.48 -17.28
N GLY B 26 -13.29 -14.57 -17.75
CA GLY B 26 -13.73 -15.62 -16.84
C GLY B 26 -15.21 -15.55 -16.50
N TYR B 27 -16.01 -14.90 -17.34
CA TYR B 27 -17.44 -14.81 -17.11
C TYR B 27 -18.13 -14.07 -18.25
N ALA B 28 -19.46 -14.00 -18.20
CA ALA B 28 -20.22 -13.33 -19.24
C ALA B 28 -20.13 -11.82 -19.06
N PHE B 29 -19.15 -11.21 -19.73
CA PHE B 29 -18.94 -9.77 -19.63
C PHE B 29 -20.18 -8.92 -19.87
N SER B 30 -21.01 -9.35 -20.81
CA SER B 30 -22.21 -8.60 -21.18
C SER B 30 -23.40 -8.71 -20.25
N SER B 31 -23.49 -9.80 -19.49
CA SER B 31 -24.62 -10.00 -18.59
C SER B 31 -24.27 -9.77 -17.13
N SER B 32 -23.67 -8.63 -16.82
CA SER B 32 -23.30 -8.32 -15.45
C SER B 32 -22.83 -6.87 -15.32
N TRP B 33 -23.30 -6.20 -14.29
CA TRP B 33 -22.92 -4.80 -14.06
C TRP B 33 -21.43 -4.62 -13.80
N MET B 34 -20.92 -3.45 -14.18
CA MET B 34 -19.53 -3.11 -13.96
C MET B 34 -19.52 -1.76 -13.26
N ASN B 35 -19.04 -1.76 -12.02
CA ASN B 35 -18.97 -0.54 -11.24
C ASN B 35 -17.60 0.13 -11.29
N TRP B 36 -17.58 1.42 -10.99
CA TRP B 36 -16.36 2.17 -10.92
C TRP B 36 -16.42 2.88 -9.58
N VAL B 37 -15.42 2.61 -8.74
CA VAL B 37 -15.36 3.22 -7.42
C VAL B 37 -14.07 4.02 -7.31
N ARG B 38 -14.10 5.05 -6.48
CA ARG B 38 -12.93 5.90 -6.32
C ARG B 38 -12.45 5.87 -4.89
N GLN B 39 -11.14 5.76 -4.71
CA GLN B 39 -10.59 5.75 -3.36
C GLN B 39 -9.74 6.99 -3.10
N ALA B 40 -10.28 7.89 -2.30
CA ALA B 40 -9.58 9.11 -1.94
C ALA B 40 -8.49 8.70 -0.98
N PRO B 41 -7.24 9.13 -1.26
CA PRO B 41 -6.09 8.79 -0.41
C PRO B 41 -6.33 9.02 1.08
N GLY B 42 -6.33 7.93 1.84
CA GLY B 42 -6.53 8.01 3.28
C GLY B 42 -7.96 8.25 3.76
N GLN B 43 -8.90 8.48 2.85
CA GLN B 43 -10.28 8.73 3.28
C GLN B 43 -11.43 8.10 2.49
N GLY B 44 -11.84 6.90 2.92
CA GLY B 44 -12.95 6.19 2.30
C GLY B 44 -13.06 6.03 0.79
N LEU B 45 -14.14 5.37 0.37
CA LEU B 45 -14.43 5.09 -1.03
C LEU B 45 -15.66 5.84 -1.53
N GLU B 46 -15.73 6.04 -2.85
CA GLU B 46 -16.87 6.73 -3.47
C GLU B 46 -17.37 6.00 -4.71
N TRP B 47 -18.65 5.66 -4.72
CA TRP B 47 -19.21 4.99 -5.90
C TRP B 47 -19.29 6.06 -6.99
N ILE B 48 -18.88 5.69 -8.19
CA ILE B 48 -18.90 6.62 -9.33
C ILE B 48 -20.04 6.31 -10.28
N GLY B 49 -20.14 5.04 -10.67
CA GLY B 49 -21.20 4.65 -11.57
C GLY B 49 -21.08 3.22 -12.03
N ARG B 50 -22.02 2.80 -12.87
CA ARG B 50 -22.04 1.45 -13.41
C ARG B 50 -22.45 1.50 -14.87
N ILE B 51 -22.37 0.35 -15.53
CA ILE B 51 -22.74 0.25 -16.91
C ILE B 51 -23.10 -1.22 -17.10
N TYR B 52 -24.15 -1.47 -17.87
CA TYR B 52 -24.55 -2.84 -18.16
C TYR B 52 -24.13 -3.04 -19.61
N PRO B 53 -22.99 -3.74 -19.82
CA PRO B 53 -22.47 -4.00 -21.16
C PRO B 53 -23.53 -4.52 -22.13
N GLY B 54 -24.49 -5.27 -21.60
CA GLY B 54 -25.55 -5.84 -22.42
C GLY B 54 -26.22 -4.83 -23.31
N ASP B 55 -26.94 -3.89 -22.70
CA ASP B 55 -27.66 -2.85 -23.45
C ASP B 55 -26.99 -1.49 -23.33
N GLY B 56 -25.82 -1.46 -22.68
CA GLY B 56 -25.09 -0.22 -22.51
C GLY B 56 -25.78 0.77 -21.60
N ASP B 57 -26.62 0.29 -20.68
CA ASP B 57 -27.32 1.16 -19.74
C ASP B 57 -26.33 1.66 -18.69
N THR B 58 -26.40 2.94 -18.36
CA THR B 58 -25.46 3.52 -17.39
C THR B 58 -26.11 4.36 -16.32
N ASN B 59 -25.49 4.36 -15.14
CA ASN B 59 -25.97 5.15 -14.00
C ASN B 59 -24.79 5.91 -13.41
N TYR B 60 -25.03 7.15 -13.02
CA TYR B 60 -23.98 7.97 -12.45
C TYR B 60 -24.47 8.60 -11.16
N ALA B 61 -23.53 8.97 -10.30
CA ALA B 61 -23.87 9.63 -9.06
C ALA B 61 -23.78 11.12 -9.39
N GLN B 62 -24.63 11.92 -8.74
CA GLN B 62 -24.67 13.35 -8.99
C GLN B 62 -23.30 13.97 -9.23
N LYS B 63 -22.36 13.74 -8.31
CA LYS B 63 -21.01 14.30 -8.41
C LYS B 63 -20.37 14.16 -9.80
N PHE B 64 -20.16 12.93 -10.23
CA PHE B 64 -19.52 12.67 -11.52
C PHE B 64 -20.53 12.61 -12.66
N GLN B 65 -21.70 13.18 -12.43
CA GLN B 65 -22.75 13.20 -13.43
C GLN B 65 -22.20 13.62 -14.78
N GLY B 66 -21.57 14.79 -14.83
CA GLY B 66 -21.03 15.26 -16.09
C GLY B 66 -19.51 15.21 -16.21
N LYS B 67 -18.82 14.66 -15.21
CA LYS B 67 -17.37 14.59 -15.28
C LYS B 67 -16.86 13.24 -15.79
N ALA B 68 -17.68 12.21 -15.64
CA ALA B 68 -17.29 10.87 -16.08
C ALA B 68 -18.25 10.31 -17.11
N THR B 69 -17.71 9.54 -18.05
CA THR B 69 -18.51 8.91 -19.08
C THR B 69 -18.03 7.45 -19.15
N LEU B 70 -18.95 6.52 -18.98
CA LEU B 70 -18.64 5.10 -19.00
C LEU B 70 -19.03 4.42 -20.32
N THR B 71 -18.14 3.60 -20.85
CA THR B 71 -18.41 2.87 -22.08
C THR B 71 -17.91 1.43 -21.91
N ALA B 72 -18.27 0.56 -22.85
CA ALA B 72 -17.86 -0.82 -22.82
C ALA B 72 -17.66 -1.32 -24.25
N ASP B 73 -16.87 -2.38 -24.41
CA ASP B 73 -16.61 -2.95 -25.73
C ASP B 73 -16.74 -4.47 -25.64
N LYS B 74 -17.93 -4.97 -25.96
CA LYS B 74 -18.23 -6.40 -25.91
C LYS B 74 -17.22 -7.28 -26.65
N SER B 75 -16.81 -6.86 -27.84
CA SER B 75 -15.87 -7.63 -28.64
C SER B 75 -14.53 -7.84 -27.94
N THR B 76 -14.30 -7.05 -26.89
CA THR B 76 -13.04 -7.16 -26.16
C THR B 76 -13.25 -7.42 -24.67
N SER B 77 -14.51 -7.32 -24.23
CA SER B 77 -14.84 -7.53 -22.82
C SER B 77 -14.02 -6.54 -22.00
N THR B 78 -14.09 -5.29 -22.40
CA THR B 78 -13.37 -4.23 -21.71
C THR B 78 -14.32 -3.10 -21.36
N ALA B 79 -14.21 -2.60 -20.14
CA ALA B 79 -15.04 -1.50 -19.70
C ALA B 79 -14.12 -0.30 -19.62
N TYR B 80 -14.57 0.85 -20.10
CA TYR B 80 -13.75 2.05 -20.04
C TYR B 80 -14.41 3.13 -19.21
N MET B 81 -13.59 4.05 -18.71
CA MET B 81 -14.09 5.15 -17.93
C MET B 81 -13.27 6.37 -18.30
N GLU B 82 -13.96 7.41 -18.75
CA GLU B 82 -13.30 8.64 -19.15
C GLU B 82 -13.64 9.68 -18.09
N LEU B 83 -12.67 10.50 -17.73
CA LEU B 83 -12.87 11.56 -16.74
C LEU B 83 -12.41 12.86 -17.34
N SER B 84 -13.30 13.84 -17.40
CA SER B 84 -12.97 15.13 -17.98
C SER B 84 -12.74 16.17 -16.90
N SER B 85 -12.32 17.36 -17.34
CA SER B 85 -12.04 18.48 -16.44
C SER B 85 -11.41 18.01 -15.13
N LEU B 86 -10.31 17.30 -15.26
CA LEU B 86 -9.61 16.78 -14.10
C LEU B 86 -8.97 17.90 -13.31
N ARG B 87 -9.12 17.83 -11.99
CA ARG B 87 -8.56 18.81 -11.08
C ARG B 87 -7.59 18.07 -10.15
N SER B 88 -6.77 18.82 -9.41
CA SER B 88 -5.81 18.19 -8.50
C SER B 88 -6.47 17.27 -7.48
N GLU B 89 -7.70 17.60 -7.09
CA GLU B 89 -8.45 16.82 -6.13
C GLU B 89 -8.85 15.46 -6.70
N ASP B 90 -8.79 15.32 -8.02
CA ASP B 90 -9.18 14.07 -8.65
C ASP B 90 -8.11 12.98 -8.58
N THR B 91 -6.97 13.29 -7.98
CA THR B 91 -5.92 12.28 -7.84
C THR B 91 -6.44 11.20 -6.88
N ALA B 92 -6.48 9.97 -7.34
CA ALA B 92 -6.98 8.88 -6.52
C ALA B 92 -6.78 7.56 -7.23
N VAL B 93 -7.11 6.47 -6.55
CA VAL B 93 -7.01 5.16 -7.14
C VAL B 93 -8.43 4.82 -7.61
N TYR B 94 -8.56 4.40 -8.86
CA TYR B 94 -9.86 4.06 -9.40
C TYR B 94 -9.95 2.57 -9.69
N PHE B 95 -10.99 1.92 -9.18
CA PHE B 95 -11.19 0.49 -9.38
C PHE B 95 -12.44 0.22 -10.21
N CYS B 96 -12.50 -0.97 -10.79
CA CYS B 96 -13.67 -1.42 -11.51
C CYS B 96 -14.07 -2.66 -10.72
N ALA B 97 -15.38 -2.91 -10.62
CA ALA B 97 -15.85 -4.07 -9.88
C ALA B 97 -17.04 -4.73 -10.57
N ARG B 98 -16.99 -6.05 -10.66
CA ARG B 98 -18.05 -6.83 -11.29
C ARG B 98 -19.26 -7.04 -10.37
N GLU B 99 -20.44 -7.11 -10.98
CA GLU B 99 -21.72 -7.30 -10.28
C GLU B 99 -22.21 -6.05 -9.57
N TYR B 100 -23.53 -5.98 -9.41
CA TYR B 100 -24.18 -4.84 -8.78
C TYR B 100 -23.68 -4.53 -7.37
N ASP B 101 -23.10 -5.54 -6.70
CA ASP B 101 -22.62 -5.33 -5.35
C ASP B 101 -21.11 -5.49 -5.17
N GLU B 102 -20.35 -5.32 -6.24
CA GLU B 102 -18.90 -5.43 -6.17
C GLU B 102 -18.40 -6.78 -5.66
N ALA B 103 -18.67 -7.85 -6.39
CA ALA B 103 -18.22 -9.17 -5.97
C ALA B 103 -16.75 -9.41 -6.33
N TYR B 104 -16.27 -8.69 -7.35
CA TYR B 104 -14.87 -8.83 -7.80
C TYR B 104 -14.29 -7.49 -8.19
N TRP B 105 -13.07 -7.21 -7.72
CA TRP B 105 -12.42 -5.95 -8.00
C TRP B 105 -11.14 -6.06 -8.82
N GLY B 106 -10.85 -5.00 -9.58
CA GLY B 106 -9.63 -4.95 -10.36
C GLY B 106 -8.55 -4.49 -9.39
N GLN B 107 -7.29 -4.51 -9.81
CA GLN B 107 -6.20 -4.10 -8.92
C GLN B 107 -6.23 -2.61 -8.65
N GLY B 108 -6.93 -1.85 -9.47
CA GLY B 108 -7.00 -0.40 -9.29
C GLY B 108 -5.96 0.35 -10.09
N THR B 109 -6.26 1.61 -10.41
CA THR B 109 -5.35 2.45 -11.17
C THR B 109 -5.22 3.83 -10.49
N LEU B 110 -3.99 4.19 -10.15
CA LEU B 110 -3.72 5.48 -9.52
C LEU B 110 -3.54 6.54 -10.60
N VAL B 111 -4.44 7.53 -10.59
CA VAL B 111 -4.36 8.63 -11.52
C VAL B 111 -3.90 9.86 -10.75
N THR B 112 -2.79 10.44 -11.18
CA THR B 112 -2.29 11.62 -10.51
C THR B 112 -2.52 12.81 -11.43
N VAL B 113 -3.25 13.80 -10.92
CA VAL B 113 -3.51 15.01 -11.67
C VAL B 113 -2.43 15.98 -11.23
N SER B 114 -1.56 16.38 -12.13
CA SER B 114 -0.50 17.30 -11.76
C SER B 114 0.16 17.85 -13.00
N SER B 115 0.67 19.08 -12.91
CA SER B 115 1.34 19.73 -14.04
C SER B 115 2.83 19.52 -13.94
N ALA B 116 3.23 18.75 -12.92
CA ALA B 116 4.63 18.46 -12.70
C ALA B 116 5.11 17.46 -13.74
N SER B 117 6.38 17.55 -14.07
CA SER B 117 6.99 16.66 -15.05
C SER B 117 7.17 15.25 -14.48
N THR B 118 6.95 14.27 -15.35
CA THR B 118 7.10 12.87 -14.99
C THR B 118 8.58 12.58 -14.95
N LYS B 119 8.99 11.68 -14.07
CA LYS B 119 10.40 11.35 -13.97
C LYS B 119 10.64 9.93 -13.45
N GLY B 120 11.45 9.20 -14.20
CA GLY B 120 11.80 7.84 -13.84
C GLY B 120 12.80 7.85 -12.69
N PRO B 121 12.84 6.79 -11.87
CA PRO B 121 13.75 6.70 -10.73
C PRO B 121 15.19 6.30 -10.98
N SER B 122 16.00 6.57 -9.98
CA SER B 122 17.40 6.21 -9.94
C SER B 122 17.35 5.04 -8.95
N VAL B 123 18.11 3.99 -9.22
CA VAL B 123 18.12 2.82 -8.35
C VAL B 123 19.53 2.57 -7.82
N PHE B 124 19.68 2.67 -6.51
CA PHE B 124 20.98 2.46 -5.89
C PHE B 124 20.94 1.25 -4.95
N PRO B 125 21.98 0.40 -5.00
CA PRO B 125 22.04 -0.78 -4.14
C PRO B 125 22.33 -0.46 -2.68
N LEU B 126 21.67 -1.19 -1.79
CA LEU B 126 21.90 -1.06 -0.36
C LEU B 126 22.68 -2.38 -0.12
N ALA B 127 24.00 -2.30 -0.21
CA ALA B 127 24.88 -3.45 -0.09
C ALA B 127 25.02 -4.10 1.29
N PRO B 128 25.07 -5.43 1.33
CA PRO B 128 25.21 -6.17 2.59
C PRO B 128 26.66 -6.11 3.05
N SER B 129 26.85 -5.98 4.37
CA SER B 129 28.18 -5.95 4.96
C SER B 129 28.04 -6.42 6.41
N SER B 130 29.15 -6.42 7.15
CA SER B 130 29.10 -6.84 8.55
C SER B 130 28.16 -5.89 9.31
N LYS B 131 27.97 -4.70 8.75
CA LYS B 131 27.11 -3.70 9.35
C LYS B 131 25.64 -3.99 9.12
N SER B 132 25.34 -4.92 8.21
CA SER B 132 23.95 -5.29 7.93
C SER B 132 23.72 -6.78 8.14
N THR B 133 24.62 -7.46 8.84
CA THR B 133 24.47 -8.90 9.09
C THR B 133 24.33 -9.23 10.58
N SER B 134 23.09 -9.41 11.03
CA SER B 134 22.81 -9.75 12.43
C SER B 134 23.14 -11.23 12.68
N GLY B 135 22.59 -11.82 13.73
CA GLY B 135 22.88 -13.20 14.06
C GLY B 135 22.56 -14.29 13.03
N GLY B 136 23.40 -14.39 12.00
CA GLY B 136 23.17 -15.40 10.99
C GLY B 136 22.38 -14.95 9.77
N THR B 137 21.76 -13.79 9.83
CA THR B 137 21.01 -13.30 8.68
C THR B 137 21.59 -11.98 8.19
N ALA B 138 21.45 -11.72 6.90
CA ALA B 138 21.96 -10.48 6.32
C ALA B 138 20.80 -9.72 5.70
N ALA B 139 20.87 -8.41 5.73
CA ALA B 139 19.83 -7.58 5.12
C ALA B 139 20.46 -6.85 3.96
N LEU B 140 19.70 -6.67 2.89
CA LEU B 140 20.17 -5.96 1.69
C LEU B 140 18.90 -5.41 1.02
N GLY B 141 19.05 -4.44 0.13
CA GLY B 141 17.88 -3.90 -0.53
C GLY B 141 18.21 -2.92 -1.64
N CYS B 142 17.21 -2.17 -2.09
CA CYS B 142 17.41 -1.16 -3.11
C CYS B 142 16.81 0.18 -2.75
N LEU B 143 17.55 1.23 -3.07
CA LEU B 143 17.09 2.59 -2.81
C LEU B 143 16.57 3.14 -4.16
N VAL B 144 15.26 3.28 -4.26
CA VAL B 144 14.61 3.80 -5.45
C VAL B 144 14.38 5.27 -5.13
N LYS B 145 15.15 6.14 -5.79
CA LYS B 145 15.08 7.56 -5.49
C LYS B 145 14.75 8.48 -6.65
N ASP B 146 14.18 9.64 -6.29
CA ASP B 146 13.82 10.70 -7.22
C ASP B 146 12.94 10.35 -8.41
N TYR B 147 11.69 9.99 -8.15
CA TYR B 147 10.78 9.67 -9.23
C TYR B 147 9.47 10.41 -8.99
N PHE B 148 8.70 10.60 -10.06
CA PHE B 148 7.42 11.26 -9.98
C PHE B 148 6.64 10.82 -11.20
N PRO B 149 5.36 10.46 -11.02
CA PRO B 149 4.62 10.46 -9.75
C PRO B 149 4.70 9.05 -9.17
N GLU B 150 3.75 8.69 -8.30
CA GLU B 150 3.71 7.35 -7.74
C GLU B 150 2.82 6.61 -8.73
N PRO B 151 2.82 5.26 -8.72
CA PRO B 151 3.58 4.39 -7.83
C PRO B 151 4.74 3.76 -8.58
N VAL B 152 5.55 3.05 -7.84
CA VAL B 152 6.68 2.35 -8.40
C VAL B 152 6.54 0.94 -7.84
N THR B 153 6.88 -0.07 -8.63
CA THR B 153 6.78 -1.45 -8.20
C THR B 153 8.15 -2.06 -7.98
N VAL B 154 8.26 -2.90 -6.96
CA VAL B 154 9.53 -3.55 -6.69
C VAL B 154 9.39 -5.05 -6.51
N SER B 155 10.23 -5.79 -7.20
CA SER B 155 10.21 -7.23 -7.03
C SER B 155 11.66 -7.65 -6.99
N TRP B 156 11.90 -8.81 -6.40
CA TRP B 156 13.23 -9.34 -6.28
C TRP B 156 13.34 -10.63 -7.08
N ASN B 157 14.40 -10.75 -7.86
CA ASN B 157 14.64 -11.92 -8.71
C ASN B 157 13.41 -12.28 -9.53
N SER B 158 12.83 -11.27 -10.18
CA SER B 158 11.65 -11.45 -11.02
C SER B 158 10.45 -12.12 -10.35
N GLY B 159 10.27 -11.89 -9.05
CA GLY B 159 9.14 -12.46 -8.36
C GLY B 159 9.43 -13.76 -7.65
N ALA B 160 10.61 -14.32 -7.88
CA ALA B 160 10.98 -15.58 -7.22
C ALA B 160 11.33 -15.35 -5.76
N LEU B 161 11.75 -14.15 -5.41
CA LEU B 161 12.12 -13.84 -4.02
C LEU B 161 11.09 -12.89 -3.40
N THR B 162 10.29 -13.44 -2.50
CA THR B 162 9.23 -12.67 -1.84
C THR B 162 9.25 -12.84 -0.32
N SER B 163 9.88 -13.91 0.14
CA SER B 163 9.96 -14.16 1.57
C SER B 163 10.90 -13.18 2.26
N GLY B 164 10.42 -12.59 3.35
CA GLY B 164 11.21 -11.63 4.11
C GLY B 164 11.45 -10.28 3.46
N VAL B 165 10.64 -9.93 2.46
CA VAL B 165 10.77 -8.65 1.75
C VAL B 165 9.89 -7.55 2.30
N HIS B 166 10.47 -6.37 2.51
CA HIS B 166 9.73 -5.20 3.00
C HIS B 166 9.92 -4.01 2.03
N THR B 167 8.83 -3.53 1.47
CA THR B 167 8.92 -2.38 0.58
C THR B 167 8.14 -1.27 1.24
N PHE B 168 8.88 -0.31 1.77
CA PHE B 168 8.35 0.84 2.50
C PHE B 168 7.56 1.86 1.72
N PRO B 169 6.54 2.45 2.37
CA PRO B 169 5.74 3.48 1.69
C PRO B 169 6.73 4.59 1.33
N ALA B 170 6.51 5.27 0.22
CA ALA B 170 7.40 6.32 -0.22
C ALA B 170 7.37 7.56 0.66
N VAL B 171 8.44 8.34 0.60
CA VAL B 171 8.52 9.58 1.32
C VAL B 171 8.63 10.68 0.27
N LEU B 172 8.11 11.84 0.61
CA LEU B 172 8.13 13.00 -0.26
C LEU B 172 9.32 13.87 0.14
N GLN B 173 10.22 14.12 -0.80
CA GLN B 173 11.38 14.96 -0.52
C GLN B 173 11.06 16.43 -0.74
N SER B 174 11.97 17.31 -0.35
CA SER B 174 11.75 18.73 -0.54
C SER B 174 11.62 19.05 -2.02
N SER B 175 12.46 18.41 -2.84
CA SER B 175 12.42 18.65 -4.28
C SER B 175 11.06 18.34 -4.90
N GLY B 176 10.16 17.74 -4.11
CA GLY B 176 8.85 17.41 -4.64
C GLY B 176 8.84 16.07 -5.33
N LEU B 177 9.97 15.36 -5.23
CA LEU B 177 10.13 14.03 -5.81
C LEU B 177 9.97 12.95 -4.72
N TYR B 178 9.68 11.73 -5.14
CA TYR B 178 9.50 10.62 -4.22
C TYR B 178 10.73 9.74 -4.05
N SER B 179 10.76 9.01 -2.94
CA SER B 179 11.87 8.13 -2.63
C SER B 179 11.40 7.00 -1.72
N LEU B 180 11.99 5.81 -1.93
CA LEU B 180 11.66 4.65 -1.12
C LEU B 180 12.71 3.57 -1.19
N SER B 181 12.60 2.63 -0.27
CA SER B 181 13.51 1.52 -0.21
C SER B 181 12.79 0.18 -0.14
N SER B 182 13.48 -0.84 -0.61
CA SER B 182 12.97 -2.20 -0.55
C SER B 182 14.13 -3.00 0.02
N VAL B 183 13.85 -3.77 1.06
CA VAL B 183 14.88 -4.58 1.69
C VAL B 183 14.47 -6.05 1.78
N VAL B 184 15.43 -6.90 2.02
CA VAL B 184 15.17 -8.32 2.12
C VAL B 184 16.15 -8.88 3.15
N THR B 185 15.75 -9.93 3.84
CA THR B 185 16.65 -10.54 4.79
C THR B 185 16.89 -11.95 4.30
N VAL B 186 18.16 -12.34 4.21
CA VAL B 186 18.55 -13.67 3.74
C VAL B 186 19.63 -14.25 4.66
N PRO B 187 20.06 -15.49 4.39
CA PRO B 187 21.10 -16.07 5.25
C PRO B 187 22.39 -15.36 4.90
N SER B 188 23.15 -14.95 5.90
CA SER B 188 24.41 -14.29 5.61
C SER B 188 25.36 -15.25 4.87
N SER B 189 25.21 -16.55 5.15
CA SER B 189 26.05 -17.59 4.55
C SER B 189 25.84 -17.76 3.05
N SER B 190 24.81 -17.13 2.51
CA SER B 190 24.52 -17.28 1.09
C SER B 190 25.01 -16.14 0.20
N LEU B 191 25.56 -15.09 0.79
CA LEU B 191 26.03 -13.95 0.01
C LEU B 191 27.11 -14.27 -1.00
N GLY B 192 27.80 -15.38 -0.81
CA GLY B 192 28.84 -15.74 -1.73
C GLY B 192 28.37 -16.53 -2.95
N THR B 193 27.18 -17.13 -2.86
CA THR B 193 26.67 -17.93 -3.97
C THR B 193 25.29 -17.60 -4.54
N GLN B 194 24.49 -16.87 -3.79
CA GLN B 194 23.17 -16.51 -4.29
C GLN B 194 23.25 -15.15 -4.98
N THR B 195 22.34 -14.92 -5.92
CA THR B 195 22.30 -13.67 -6.65
C THR B 195 21.01 -12.92 -6.35
N TYR B 196 21.16 -11.63 -6.06
CA TYR B 196 20.01 -10.80 -5.72
C TYR B 196 19.88 -9.60 -6.64
N ILE B 197 18.70 -9.45 -7.21
CA ILE B 197 18.45 -8.35 -8.11
C ILE B 197 17.09 -7.75 -7.83
N CYS B 198 17.03 -6.43 -7.72
CA CYS B 198 15.72 -5.80 -7.51
C CYS B 198 15.21 -5.34 -8.87
N ASN B 199 13.94 -5.62 -9.15
CA ASN B 199 13.31 -5.23 -10.40
C ASN B 199 12.40 -4.07 -10.04
N VAL B 200 12.71 -2.91 -10.60
CA VAL B 200 11.98 -1.69 -10.34
C VAL B 200 11.18 -1.25 -11.54
N ASN B 201 9.87 -1.11 -11.34
CA ASN B 201 8.97 -0.71 -12.42
C ASN B 201 8.17 0.57 -12.14
N HIS B 202 8.37 1.58 -12.98
CA HIS B 202 7.67 2.85 -12.86
C HIS B 202 6.86 3.05 -14.14
N LYS B 203 5.64 2.53 -14.13
CA LYS B 203 4.77 2.60 -15.29
C LYS B 203 4.49 3.99 -15.85
N PRO B 204 4.21 4.98 -14.97
CA PRO B 204 3.94 6.31 -15.51
C PRO B 204 4.95 6.77 -16.54
N SER B 205 6.16 6.23 -16.48
CA SER B 205 7.18 6.63 -17.43
C SER B 205 7.74 5.46 -18.22
N ASN B 206 7.00 4.34 -18.24
CA ASN B 206 7.43 3.13 -18.96
C ASN B 206 8.88 2.84 -18.68
N THR B 207 9.28 3.04 -17.42
CA THR B 207 10.65 2.80 -17.00
C THR B 207 10.78 1.50 -16.23
N LYS B 208 11.79 0.71 -16.59
CA LYS B 208 12.07 -0.56 -15.92
C LYS B 208 13.56 -0.63 -15.62
N VAL B 209 13.90 -0.96 -14.39
CA VAL B 209 15.30 -1.04 -14.01
C VAL B 209 15.60 -2.27 -13.16
N ASP B 210 16.75 -2.88 -13.40
CA ASP B 210 17.21 -4.03 -12.66
C ASP B 210 18.59 -3.69 -12.14
N LYS B 211 18.76 -3.81 -10.83
CA LYS B 211 20.04 -3.51 -10.20
C LYS B 211 20.53 -4.73 -9.43
N LYS B 212 21.77 -5.12 -9.69
CA LYS B 212 22.37 -6.26 -9.03
C LYS B 212 22.94 -5.77 -7.71
N VAL B 213 22.64 -6.49 -6.62
CA VAL B 213 23.12 -6.08 -5.31
C VAL B 213 24.19 -7.06 -4.82
N GLU B 214 25.41 -6.55 -4.71
CA GLU B 214 26.54 -7.36 -4.27
C GLU B 214 27.05 -6.87 -2.91
N PRO B 215 27.68 -7.78 -2.15
CA PRO B 215 28.22 -7.43 -0.83
C PRO B 215 29.35 -6.39 -0.91
N LYS B 216 29.54 -5.65 0.18
CA LYS B 216 30.56 -4.63 0.23
C LYS B 216 31.40 -4.78 1.49
N SER B 217 32.70 -4.58 1.34
CA SER B 217 33.63 -4.69 2.47
C SER B 217 33.36 -3.54 3.44
N CYS B 218 32.72 -3.87 4.56
CA CYS B 218 32.37 -2.89 5.58
C CYS B 218 31.99 -3.61 6.86
#